data_2QZ2
#
_entry.id   2QZ2
#
_cell.length_a   67.326
_cell.length_b   67.326
_cell.length_c   165.401
_cell.angle_alpha   90.00
_cell.angle_beta   90.00
_cell.angle_gamma   120.00
#
_symmetry.space_group_name_H-M   'P 65 2 2'
#
loop_
_entity.id
_entity.type
_entity.pdbx_description
1 polymer 'Endo-1,4-beta-xylanase I'
2 branched beta-D-xylopyranose-(1-4)-beta-D-xylopyranose
3 branched beta-D-xylopyranose-(1-4)-beta-D-xylopyranose-(1-4)-beta-D-xylopyranose-(1-4)-beta-D-xylopyranose
4 non-polymer 'SODIUM ION'
5 water water
#
_entity_poly.entity_id   1
_entity_poly.type   'polypeptide(L)'
_entity_poly.pdbx_seq_one_letter_code
;SAGINYVQNYNGNLGDFTYDESAGTFSMYWEDGVSSDFVVGLGWTTGSSNAITYSAEYSASGSSSYLAVYGWVNYPQAEY
YIVEDYGDYNPCSSATSLGTVYSDGSTYQVCTDTRTNEPSITGTSTFTQYFSVRESTRTSGTVTVANHFNFWAQHGFGNS
DFNYQVVAVAAWSGAGSASVTISS
;
_entity_poly.pdbx_strand_id   A
#
loop_
_chem_comp.id
_chem_comp.type
_chem_comp.name
_chem_comp.formula
NA non-polymer 'SODIUM ION' 'Na 1'
XYP D-saccharide, beta linking beta-D-xylopyranose 'C5 H10 O5'
#
# COMPACT_ATOMS: atom_id res chain seq x y z
N SER A 1 2.27 11.15 16.97
CA SER A 1 3.52 11.55 17.71
C SER A 1 4.40 12.57 16.96
N ALA A 2 4.99 12.29 15.78
CA ALA A 2 5.09 11.01 15.03
C ALA A 2 3.87 10.09 14.85
N GLY A 3 2.83 10.54 14.14
CA GLY A 3 2.74 11.86 13.51
C GLY A 3 1.56 11.89 12.54
N ILE A 4 0.63 10.96 12.75
CA ILE A 4 -0.50 10.69 11.84
C ILE A 4 -1.47 11.85 11.74
N ASN A 5 -1.72 12.31 10.51
CA ASN A 5 -2.71 13.36 10.26
C ASN A 5 -3.64 13.07 9.07
N TYR A 6 -3.68 11.82 8.63
CA TYR A 6 -4.52 11.42 7.51
C TYR A 6 -5.06 9.99 7.66
N VAL A 7 -6.37 9.85 7.42
CA VAL A 7 -7.03 8.55 7.46
C VAL A 7 -7.45 8.12 6.05
N GLN A 8 -6.90 6.99 5.60
CA GLN A 8 -7.31 6.41 4.32
C GLN A 8 -8.54 5.54 4.51
N ASN A 9 -9.61 5.85 3.77
CA ASN A 9 -10.87 5.14 3.89
C ASN A 9 -11.64 5.00 2.57
N TYR A 10 -11.10 4.20 1.65
CA TYR A 10 -11.80 3.91 0.40
C TYR A 10 -12.62 2.64 0.54
N ASN A 11 -13.95 2.82 0.58
CA ASN A 11 -14.92 1.74 0.75
C ASN A 11 -14.60 0.80 1.94
N GLY A 12 -14.22 1.40 3.06
CA GLY A 12 -13.92 0.65 4.28
C GLY A 12 -15.14 0.00 4.89
N ASN A 13 -16.33 0.49 4.52
CA ASN A 13 -17.59 -0.07 4.99
C ASN A 13 -17.96 -1.39 4.30
N LEU A 14 -17.06 -1.90 3.47
CA LEU A 14 -17.17 -3.25 2.91
C LEU A 14 -16.90 -4.30 3.99
N GLY A 15 -16.13 -3.90 5.00
CA GLY A 15 -15.85 -4.76 6.14
C GLY A 15 -16.06 -4.01 7.44
N ASP A 16 -15.12 -4.17 8.38
CA ASP A 16 -15.20 -3.52 9.69
C ASP A 16 -13.90 -2.79 9.99
N PHE A 17 -13.95 -1.46 9.89
CA PHE A 17 -12.76 -0.62 10.00
C PHE A 17 -12.78 0.27 11.24
N THR A 18 -11.78 0.08 12.10
CA THR A 18 -11.60 0.90 13.31
C THR A 18 -10.20 1.52 13.26
N TYR A 19 -10.09 2.76 13.75
CA TYR A 19 -8.80 3.47 13.76
C TYR A 19 -8.66 4.45 14.93
N ASP A 20 -7.42 4.83 15.20
CA ASP A 20 -7.08 5.84 16.21
C ASP A 20 -5.88 6.64 15.70
N GLU A 21 -6.14 7.88 15.26
CA GLU A 21 -5.10 8.78 14.76
C GLU A 21 -4.02 9.06 15.78
N SER A 22 -4.43 9.26 17.03
CA SER A 22 -3.53 9.60 18.12
C SER A 22 -2.64 8.43 18.53
N ALA A 23 -3.22 7.23 18.58
CA ALA A 23 -2.49 6.02 18.96
C ALA A 23 -1.64 5.45 17.82
N GLY A 24 -2.00 5.81 16.59
CA GLY A 24 -1.33 5.28 15.39
C GLY A 24 -1.72 3.84 15.09
N THR A 25 -2.90 3.43 15.53
CA THR A 25 -3.38 2.06 15.33
C THR A 25 -4.66 2.00 14.50
N PHE A 26 -4.75 0.99 13.64
CA PHE A 26 -5.99 0.68 12.94
C PHE A 26 -6.12 -0.82 12.74
N SER A 27 -7.37 -1.28 12.68
CA SER A 27 -7.66 -2.68 12.39
C SER A 27 -8.72 -2.78 11.30
N MET A 28 -8.70 -3.87 10.55
CA MET A 28 -9.67 -4.11 9.50
C MET A 28 -10.08 -5.57 9.49
N TYR A 29 -11.39 -5.82 9.46
CA TYR A 29 -11.92 -7.18 9.43
C TYR A 29 -12.82 -7.40 8.22
N TRP A 30 -12.53 -8.46 7.47
CA TRP A 30 -13.36 -8.86 6.35
C TRP A 30 -13.51 -10.39 6.28
N GLU A 31 -13.87 -10.98 7.37
CA GLU A 31 -13.96 -12.43 7.60
CA GLU A 31 -13.95 -12.41 7.39
C GLU A 31 -15.16 -13.02 6.80
N ASP A 32 -16.21 -12.24 6.66
CA ASP A 32 -17.36 -12.64 5.86
C ASP A 32 -17.04 -12.61 4.36
N GLY A 33 -15.84 -12.13 4.04
CA GLY A 33 -15.41 -11.97 2.66
C GLY A 33 -15.79 -10.61 2.13
N VAL A 34 -15.14 -10.20 1.05
CA VAL A 34 -15.42 -8.91 0.43
C VAL A 34 -15.84 -9.09 -1.02
N SER A 35 -16.87 -8.35 -1.42
CA SER A 35 -17.38 -8.39 -2.79
C SER A 35 -16.64 -7.41 -3.70
N SER A 36 -16.41 -6.19 -3.19
CA SER A 36 -15.77 -5.14 -3.97
C SER A 36 -14.33 -4.86 -3.51
N ASP A 37 -13.79 -3.72 -3.96
CA ASP A 37 -12.42 -3.31 -3.64
C ASP A 37 -12.40 -2.30 -2.48
N PHE A 38 -11.53 -2.54 -1.51
CA PHE A 38 -11.31 -1.56 -0.42
C PHE A 38 -9.82 -1.31 -0.14
N VAL A 39 -9.52 -0.08 0.31
CA VAL A 39 -8.18 0.28 0.79
C VAL A 39 -8.32 1.18 2.02
N VAL A 40 -7.82 0.71 3.16
CA VAL A 40 -7.87 1.49 4.40
C VAL A 40 -6.52 1.55 5.11
N GLY A 41 -6.31 2.62 5.89
CA GLY A 41 -5.08 2.78 6.68
C GLY A 41 -4.87 4.17 7.25
N LEU A 42 -3.75 4.36 7.93
CA LEU A 42 -3.39 5.64 8.53
C LEU A 42 -2.06 6.15 8.01
N GLY A 43 -1.88 7.47 8.02
CA GLY A 43 -0.63 8.07 7.57
C GLY A 43 -0.59 9.59 7.57
N TRP A 44 -0.08 10.16 6.48
CA TRP A 44 0.14 11.60 6.37
C TRP A 44 -0.49 12.14 5.09
N THR A 45 -0.94 13.40 5.11
CA THR A 45 -1.58 14.00 3.93
C THR A 45 -0.58 14.29 2.81
N THR A 46 0.68 14.47 3.19
CA THR A 46 1.77 14.61 2.22
C THR A 46 2.88 13.64 2.53
N GLY A 47 3.14 12.74 1.59
CA GLY A 47 4.18 11.73 1.73
C GLY A 47 5.57 12.27 1.48
N SER A 48 6.57 11.51 1.93
CA SER A 48 7.97 11.84 1.71
C SER A 48 8.80 10.56 1.63
N SER A 49 10.11 10.71 1.49
CA SER A 49 11.01 9.57 1.41
C SER A 49 11.46 9.08 2.79
N ASN A 50 10.93 9.69 3.85
CA ASN A 50 11.20 9.25 5.22
C ASN A 50 10.79 7.80 5.44
N ALA A 51 11.62 7.06 6.15
CA ALA A 51 11.36 5.65 6.45
C ALA A 51 10.11 5.48 7.31
N ILE A 52 9.39 4.39 7.07
CA ILE A 52 8.19 4.09 7.84
C ILE A 52 8.37 2.78 8.62
N THR A 53 8.16 2.85 9.93
CA THR A 53 8.19 1.66 10.78
C THR A 53 6.77 1.27 11.19
N TYR A 54 6.43 0.02 10.92
CA TYR A 54 5.08 -0.49 11.14
C TYR A 54 5.13 -1.86 11.83
N SER A 55 4.07 -2.17 12.57
CA SER A 55 3.91 -3.48 13.19
C SER A 55 2.47 -3.93 12.98
N ALA A 56 2.29 -5.15 12.49
CA ALA A 56 0.95 -5.63 12.13
C ALA A 56 0.76 -7.13 12.33
N GLU A 57 -0.47 -7.50 12.69
CA GLU A 57 -0.89 -8.89 12.70
C GLU A 57 -1.83 -9.08 11.51
N TYR A 58 -1.36 -9.83 10.51
CA TYR A 58 -1.98 -9.85 9.19
C TYR A 58 -2.30 -11.27 8.77
N SER A 59 -3.60 -11.53 8.59
CA SER A 59 -4.09 -12.84 8.17
C SER A 59 -4.93 -12.69 6.91
N ALA A 60 -4.28 -12.92 5.76
CA ALA A 60 -4.95 -12.77 4.47
C ALA A 60 -4.72 -13.96 3.54
N SER A 61 -4.49 -15.14 4.13
CA SER A 61 -4.45 -16.40 3.39
C SER A 61 -5.79 -16.60 2.68
N GLY A 62 -5.73 -16.91 1.39
CA GLY A 62 -6.94 -17.07 0.59
C GLY A 62 -7.73 -15.77 0.45
N SER A 63 -7.02 -14.71 0.07
CA SER A 63 -7.60 -13.39 -0.13
C SER A 63 -6.71 -12.57 -1.05
N SER A 64 -7.30 -12.00 -2.10
CA SER A 64 -6.58 -11.06 -2.95
C SER A 64 -6.43 -9.76 -2.17
N SER A 65 -5.31 -9.63 -1.48
CA SER A 65 -5.10 -8.60 -0.47
C SER A 65 -3.64 -8.18 -0.36
N TYR A 66 -3.41 -6.95 0.10
CA TYR A 66 -2.06 -6.46 0.40
C TYR A 66 -1.97 -5.86 1.80
N LEU A 67 -0.83 -6.07 2.44
CA LEU A 67 -0.38 -5.21 3.53
C LEU A 67 0.78 -4.42 2.94
N ALA A 68 0.61 -3.10 2.84
CA ALA A 68 1.52 -2.30 2.04
C ALA A 68 1.63 -0.85 2.52
N VAL A 69 2.75 -0.23 2.17
CA VAL A 69 2.87 1.22 2.20
C VAL A 69 2.22 1.72 0.92
N TYR A 70 1.27 2.63 1.06
CA TYR A 70 0.43 3.06 -0.06
C TYR A 70 0.35 4.57 -0.13
N GLY A 71 0.35 5.11 -1.35
CA GLY A 71 0.29 6.55 -1.57
C GLY A 71 0.18 6.97 -3.02
N TRP A 72 0.23 8.28 -3.25
CA TRP A 72 0.06 8.85 -4.59
C TRP A 72 1.07 9.97 -4.91
N VAL A 73 1.35 10.13 -6.19
CA VAL A 73 2.04 11.32 -6.70
C VAL A 73 1.01 12.15 -7.46
N ASN A 74 0.95 13.45 -7.14
CA ASN A 74 -0.03 14.36 -7.74
C ASN A 74 0.07 14.45 -9.27
N TYR A 75 1.27 14.73 -9.78
CA TYR A 75 1.50 14.92 -11.21
C TYR A 75 2.98 14.77 -11.57
N PRO A 76 3.29 13.95 -12.59
CA PRO A 76 2.39 13.05 -13.32
C PRO A 76 1.77 12.02 -12.37
N GLN A 77 0.47 11.79 -12.52
CA GLN A 77 -0.28 11.01 -11.55
C GLN A 77 0.19 9.56 -11.48
N ALA A 78 0.52 9.13 -10.27
CA ALA A 78 1.00 7.78 -10.03
C ALA A 78 0.48 7.22 -8.71
N GLU A 79 0.21 5.93 -8.70
CA GLU A 79 -0.22 5.21 -7.50
C GLU A 79 0.83 4.16 -7.16
N TYR A 80 1.20 4.07 -5.89
CA TYR A 80 2.27 3.13 -5.50
C TYR A 80 1.93 2.23 -4.32
N TYR A 81 2.44 1.01 -4.39
CA TYR A 81 2.34 0.03 -3.31
C TYR A 81 3.72 -0.52 -3.04
N ILE A 82 4.21 -0.38 -1.81
CA ILE A 82 5.36 -1.15 -1.36
C ILE A 82 4.82 -2.31 -0.54
N VAL A 83 4.57 -3.42 -1.21
CA VAL A 83 3.88 -4.56 -0.60
C VAL A 83 4.81 -5.38 0.30
N GLU A 84 4.43 -5.48 1.57
CA GLU A 84 5.20 -6.19 2.58
C GLU A 84 4.74 -7.64 2.71
N ASP A 85 3.43 -7.82 2.79
CA ASP A 85 2.83 -9.14 2.79
C ASP A 85 1.57 -9.11 1.93
N TYR A 86 1.20 -10.25 1.38
CA TYR A 86 0.04 -10.36 0.50
C TYR A 86 -0.61 -11.74 0.55
N GLY A 87 -1.82 -11.84 0.02
CA GLY A 87 -2.56 -13.10 0.00
C GLY A 87 -2.21 -13.98 -1.19
N ASP A 88 -3.18 -14.20 -2.06
CA ASP A 88 -3.03 -15.13 -3.18
C ASP A 88 -2.62 -14.45 -4.50
N TYR A 89 -2.63 -13.13 -4.52
CA TYR A 89 -2.34 -12.39 -5.75
C TYR A 89 -1.07 -11.55 -5.67
N ASN A 90 -0.13 -11.82 -6.57
CA ASN A 90 1.07 -11.02 -6.74
C ASN A 90 0.92 -10.15 -7.98
N PRO A 91 0.96 -8.82 -7.82
CA PRO A 91 0.75 -7.90 -8.94
C PRO A 91 1.82 -8.02 -10.03
N CYS A 92 2.99 -8.51 -9.68
CA CYS A 92 4.09 -8.65 -10.64
C CYS A 92 4.01 -9.91 -11.50
N SER A 93 2.89 -10.63 -11.39
CA SER A 93 2.63 -11.79 -12.25
C SER A 93 2.12 -11.36 -13.62
N SER A 94 1.23 -10.36 -13.64
CA SER A 94 0.64 -9.87 -14.89
C SER A 94 1.28 -8.57 -15.39
N ALA A 95 1.65 -7.70 -14.46
CA ALA A 95 2.20 -6.38 -14.78
C ALA A 95 3.58 -6.43 -15.43
N THR A 96 3.94 -5.34 -16.10
CA THR A 96 5.25 -5.18 -16.73
C THR A 96 6.35 -5.12 -15.67
N SER A 97 7.30 -6.04 -15.77
CA SER A 97 8.40 -6.13 -14.82
C SER A 97 9.41 -5.00 -15.02
N LEU A 98 9.93 -4.50 -13.90
CA LEU A 98 10.93 -3.43 -13.91
C LEU A 98 12.26 -3.92 -13.33
N GLY A 99 12.22 -5.10 -12.73
CA GLY A 99 13.42 -5.72 -12.19
C GLY A 99 13.33 -5.98 -10.70
N THR A 100 14.48 -5.89 -10.03
CA THR A 100 14.60 -6.19 -8.62
C THR A 100 15.28 -5.04 -7.90
N VAL A 101 14.73 -4.65 -6.75
CA VAL A 101 15.40 -3.73 -5.85
C VAL A 101 15.62 -4.45 -4.51
N TYR A 102 16.75 -4.17 -3.87
CA TYR A 102 17.01 -4.69 -2.54
C TYR A 102 16.84 -3.59 -1.49
N SER A 103 16.03 -3.88 -0.48
CA SER A 103 15.84 -2.97 0.64
C SER A 103 15.45 -3.73 1.89
N ASP A 104 16.00 -3.32 3.02
CA ASP A 104 15.59 -3.78 4.35
C ASP A 104 15.59 -5.30 4.55
N GLY A 105 16.62 -5.97 4.05
CA GLY A 105 16.80 -7.40 4.29
C GLY A 105 16.08 -8.34 3.35
N SER A 106 15.58 -7.82 2.22
CA SER A 106 14.93 -8.65 1.21
C SER A 106 14.90 -7.96 -0.15
N THR A 107 14.98 -8.77 -1.20
CA THR A 107 14.72 -8.26 -2.55
C THR A 107 13.23 -8.04 -2.72
N TYR A 108 12.88 -7.05 -3.54
CA TYR A 108 11.51 -6.80 -3.90
C TYR A 108 11.38 -6.94 -5.41
N GLN A 109 10.30 -7.57 -5.86
CA GLN A 109 9.95 -7.58 -7.28
C GLN A 109 9.36 -6.22 -7.61
N VAL A 110 9.88 -5.59 -8.65
CA VAL A 110 9.37 -4.29 -9.08
C VAL A 110 8.66 -4.44 -10.43
N CYS A 111 7.41 -4.01 -10.47
CA CYS A 111 6.63 -4.02 -11.69
C CYS A 111 5.79 -2.75 -11.83
N THR A 112 5.28 -2.52 -13.04
CA THR A 112 4.48 -1.35 -13.34
C THR A 112 3.41 -1.67 -14.38
N ASP A 113 2.34 -0.90 -14.38
CA ASP A 113 1.34 -0.92 -15.47
C ASP A 113 0.54 0.38 -15.46
N THR A 114 -0.34 0.51 -16.44
CA THR A 114 -1.10 1.75 -16.64
C THR A 114 -2.60 1.49 -16.55
N ARG A 115 -3.26 2.21 -15.65
CA ARG A 115 -4.70 2.14 -15.50
C ARG A 115 -5.33 3.29 -16.29
N THR A 116 -6.37 2.96 -17.07
CA THR A 116 -7.06 3.95 -17.89
C THR A 116 -8.47 4.21 -17.34
N ASN A 117 -8.75 5.48 -17.06
CA ASN A 117 -10.05 5.91 -16.51
C ASN A 117 -10.51 5.06 -15.34
N GLU A 118 -9.64 4.91 -14.35
CA GLU A 118 -9.94 4.15 -13.14
C GLU A 118 -10.04 5.11 -11.96
N PRO A 119 -10.83 4.73 -10.92
CA PRO A 119 -10.90 5.51 -9.67
C PRO A 119 -9.53 6.00 -9.21
N SER A 120 -9.43 7.29 -8.91
CA SER A 120 -8.18 7.91 -8.51
C SER A 120 -8.42 9.00 -7.48
N ILE A 121 -7.36 9.74 -7.13
CA ILE A 121 -7.49 10.86 -6.21
C ILE A 121 -8.11 12.08 -6.88
N THR A 122 -8.17 12.06 -8.21
CA THR A 122 -8.82 13.11 -8.99
C THR A 122 -10.11 12.64 -9.65
N GLY A 123 -10.85 11.79 -8.93
CA GLY A 123 -12.12 11.24 -9.42
C GLY A 123 -11.90 9.99 -10.24
N THR A 124 -11.63 10.17 -11.52
CA THR A 124 -11.40 9.08 -12.47
C THR A 124 -10.46 9.60 -13.55
N SER A 125 -9.29 8.97 -13.66
CA SER A 125 -8.25 9.45 -14.56
C SER A 125 -7.31 8.32 -15.01
N THR A 126 -6.35 8.67 -15.87
CA THR A 126 -5.32 7.77 -16.33
C THR A 126 -4.04 8.00 -15.53
N PHE A 127 -3.54 6.93 -14.91
CA PHE A 127 -2.36 7.01 -14.05
C PHE A 127 -1.48 5.76 -14.15
N THR A 128 -0.21 5.92 -13.79
CA THR A 128 0.74 4.81 -13.76
C THR A 128 0.81 4.23 -12.35
N GLN A 129 0.84 2.90 -12.26
CA GLN A 129 0.98 2.20 -10.98
C GLN A 129 2.40 1.68 -10.81
N TYR A 130 2.95 1.84 -9.61
CA TYR A 130 4.25 1.29 -9.27
C TYR A 130 4.15 0.32 -8.12
N PHE A 131 4.66 -0.90 -8.32
CA PHE A 131 4.61 -1.93 -7.28
C PHE A 131 6.00 -2.40 -6.87
N SER A 132 6.22 -2.50 -5.55
CA SER A 132 7.35 -3.22 -5.00
C SER A 132 6.81 -4.35 -4.13
N VAL A 133 7.14 -5.57 -4.50
CA VAL A 133 6.61 -6.76 -3.82
C VAL A 133 7.72 -7.54 -3.16
N ARG A 134 7.65 -7.65 -1.83
CA ARG A 134 8.68 -8.30 -1.02
C ARG A 134 8.77 -9.80 -1.29
N GLU A 135 9.99 -10.28 -1.53
CA GLU A 135 10.25 -11.69 -1.82
C GLU A 135 9.99 -12.58 -0.61
N SER A 136 10.64 -12.25 0.52
CA SER A 136 10.39 -12.96 1.77
C SER A 136 9.53 -12.07 2.67
N THR A 137 8.24 -12.35 2.68
CA THR A 137 7.23 -11.50 3.31
C THR A 137 7.40 -11.33 4.83
N ARG A 138 6.94 -10.18 5.32
CA ARG A 138 6.98 -9.84 6.74
C ARG A 138 5.73 -9.03 7.10
N THR A 139 5.40 -8.98 8.39
CA THR A 139 4.25 -8.23 8.87
C THR A 139 4.65 -7.11 9.84
N SER A 140 5.95 -6.89 9.98
CA SER A 140 6.49 -5.81 10.81
C SER A 140 7.92 -5.47 10.41
N GLY A 141 8.30 -4.21 10.65
CA GLY A 141 9.66 -3.74 10.35
C GLY A 141 9.72 -2.31 9.89
N THR A 142 10.86 -1.94 9.31
CA THR A 142 11.07 -0.59 8.79
C THR A 142 11.16 -0.64 7.27
N VAL A 143 10.34 0.19 6.62
CA VAL A 143 10.40 0.34 5.17
C VAL A 143 11.21 1.59 4.84
N THR A 144 12.39 1.37 4.26
CA THR A 144 13.19 2.46 3.73
C THR A 144 12.56 2.89 2.41
N VAL A 145 11.61 3.81 2.52
CA VAL A 145 10.82 4.31 1.39
C VAL A 145 11.73 4.91 0.31
N ALA A 146 12.73 5.69 0.75
CA ALA A 146 13.70 6.31 -0.15
C ALA A 146 14.31 5.33 -1.17
N ASN A 147 14.57 4.10 -0.75
CA ASN A 147 15.16 3.09 -1.63
C ASN A 147 14.27 2.70 -2.79
N HIS A 148 12.98 2.53 -2.51
CA HIS A 148 11.99 2.19 -3.52
C HIS A 148 11.73 3.37 -4.45
N PHE A 149 11.51 4.54 -3.84
CA PHE A 149 11.26 5.79 -4.56
C PHE A 149 12.35 6.07 -5.59
N ASN A 150 13.61 6.00 -5.16
CA ASN A 150 14.76 6.25 -6.03
C ASN A 150 14.88 5.24 -7.16
N PHE A 151 14.52 3.98 -6.89
CA PHE A 151 14.56 2.94 -7.90
C PHE A 151 13.46 3.16 -8.96
N TRP A 152 12.26 3.51 -8.49
CA TRP A 152 11.15 3.80 -9.39
C TRP A 152 11.42 5.03 -10.26
N ALA A 153 12.16 5.95 -9.71
CA ALA A 153 12.43 7.17 -10.35
C ALA A 153 13.14 6.96 -11.65
N GLN A 154 13.77 5.83 -11.80
CA GLN A 154 14.62 5.58 -12.90
C GLN A 154 13.81 5.01 -14.00
N HIS A 155 12.55 4.84 -13.69
CA HIS A 155 11.56 4.27 -14.61
C HIS A 155 10.35 5.18 -14.87
N GLY A 156 10.46 6.45 -14.48
CA GLY A 156 9.42 7.43 -14.79
C GLY A 156 8.63 7.99 -13.62
N PHE A 157 8.79 7.36 -12.45
CA PHE A 157 8.12 7.78 -11.22
C PHE A 157 8.57 9.19 -10.84
N GLY A 158 7.60 10.05 -10.54
CA GLY A 158 7.84 11.47 -10.29
C GLY A 158 8.89 11.79 -9.24
N ASN A 159 8.85 11.03 -8.13
CA ASN A 159 9.77 11.21 -7.00
C ASN A 159 9.69 12.58 -6.32
N SER A 160 8.61 13.31 -6.60
CA SER A 160 8.28 14.55 -5.90
C SER A 160 6.78 14.81 -6.05
N ASP A 161 6.30 15.94 -5.54
CA ASP A 161 4.89 16.34 -5.62
C ASP A 161 3.98 15.21 -5.14
N PHE A 162 4.21 14.76 -3.91
CA PHE A 162 3.47 13.64 -3.35
C PHE A 162 2.11 14.08 -2.83
N ASN A 163 1.14 13.18 -2.91
CA ASN A 163 -0.10 13.32 -2.15
C ASN A 163 0.04 12.50 -0.86
N TYR A 164 -1.05 11.91 -0.39
CA TYR A 164 -1.02 11.20 0.89
C TYR A 164 -0.13 9.95 0.88
N GLN A 165 0.25 9.50 2.06
CA GLN A 165 1.06 8.31 2.25
C GLN A 165 0.58 7.59 3.50
N VAL A 166 0.25 6.31 3.34
CA VAL A 166 -0.29 5.51 4.44
C VAL A 166 0.32 4.11 4.51
N VAL A 167 0.26 3.50 5.69
CA VAL A 167 0.40 2.05 5.79
C VAL A 167 -1.02 1.52 5.67
N ALA A 168 -1.26 0.73 4.62
CA ALA A 168 -2.61 0.33 4.27
C ALA A 168 -2.81 -1.17 4.23
N VAL A 169 -4.06 -1.57 4.48
CA VAL A 169 -4.53 -2.93 4.24
C VAL A 169 -5.57 -2.84 3.14
N ALA A 170 -5.35 -3.60 2.07
CA ALA A 170 -6.26 -3.60 0.93
C ALA A 170 -6.69 -5.02 0.62
N ALA A 171 -7.91 -5.15 0.08
CA ALA A 171 -8.43 -6.44 -0.40
C ALA A 171 -9.59 -6.21 -1.37
N TRP A 172 -9.76 -7.12 -2.32
CA TRP A 172 -10.83 -6.99 -3.33
C TRP A 172 -11.55 -8.30 -3.66
N SER A 173 -11.11 -9.39 -3.03
CA SER A 173 -11.80 -10.68 -3.08
C SER A 173 -11.30 -11.59 -1.94
N GLY A 174 -12.12 -12.55 -1.55
CA GLY A 174 -11.77 -13.47 -0.45
C GLY A 174 -11.97 -12.86 0.93
N ALA A 175 -11.53 -13.59 1.94
CA ALA A 175 -11.74 -13.19 3.34
C ALA A 175 -10.42 -13.07 4.11
N GLY A 176 -10.42 -12.22 5.14
CA GLY A 176 -9.25 -12.04 6.00
C GLY A 176 -9.47 -11.07 7.15
N SER A 177 -8.41 -10.84 7.93
CA SER A 177 -8.44 -9.91 9.05
C SER A 177 -7.05 -9.32 9.31
N ALA A 178 -7.02 -8.07 9.81
CA ALA A 178 -5.75 -7.36 10.03
C ALA A 178 -5.83 -6.35 11.16
N SER A 179 -4.69 -6.12 11.82
CA SER A 179 -4.55 -5.09 12.85
C SER A 179 -3.12 -4.53 12.77
N VAL A 180 -3.00 -3.20 12.81
CA VAL A 180 -1.74 -2.53 12.49
C VAL A 180 -1.40 -1.38 13.45
N THR A 181 -0.10 -1.15 13.65
CA THR A 181 0.42 0.00 14.42
C THR A 181 1.56 0.66 13.63
N ILE A 182 1.58 1.98 13.61
CA ILE A 182 2.63 2.74 12.92
C ILE A 182 3.52 3.47 13.93
N SER A 183 4.78 3.04 14.01
CA SER A 183 5.74 3.57 14.99
C SER A 183 6.20 4.99 14.65
O1 XYP B . -7.13 -1.35 -6.30
C1 XYP B . -7.04 0.06 -6.12
C2 XYP B . -7.24 0.76 -7.45
C3 XYP B . -7.34 2.29 -7.29
C4 XYP B . -8.18 2.74 -6.08
C5 XYP B . -7.95 1.85 -4.86
O2 XYP B . -6.13 0.46 -8.31
O3 XYP B . -7.89 2.84 -8.49
O4 XYP B . -7.83 4.10 -5.78
O5 XYP B . -8.06 0.47 -5.20
C1 XYP B . -8.76 4.81 -4.96
C2 XYP B . -7.97 5.49 -3.83
C3 XYP B . -8.79 6.56 -3.08
C4 XYP B . -9.58 7.45 -4.04
C5 XYP B . -10.36 6.59 -5.03
O2 XYP B . -7.54 4.50 -2.90
O3 XYP B . -7.90 7.38 -2.32
O4 XYP B . -10.47 8.29 -3.29
O5 XYP B . -9.45 5.77 -5.77
O1 XYP C . -21.99 -5.84 3.88
C1 XYP C . -20.77 -5.82 4.62
C2 XYP C . -20.84 -4.71 5.68
C3 XYP C . -19.64 -4.79 6.63
C4 XYP C . -19.53 -6.20 7.20
C5 XYP C . -19.42 -7.20 6.06
O2 XYP C . -20.86 -3.42 5.06
O3 XYP C . -19.77 -3.86 7.71
O4 XYP C . -18.37 -6.90 7.54
O5 XYP C . -20.58 -7.11 5.23
C1 XYP C . -17.91 -7.91 8.07
C2 XYP C . -16.53 -8.55 8.00
C3 XYP C . -16.23 -9.27 9.30
C4 XYP C . -16.51 -8.41 10.51
C5 XYP C . -17.82 -7.61 10.42
O2 XYP C . -16.49 -9.48 6.91
O3 XYP C . -14.86 -9.65 9.34
O4 XYP C . -16.53 -8.68 12.05
O5 XYP C . -17.93 -6.97 9.15
C1 XYP C . -15.61 -8.66 13.30
C2 XYP C . -16.44 -7.84 14.28
C3 XYP C . -15.71 -7.65 15.47
C4 XYP C . -15.19 -9.06 16.04
C5 XYP C . -14.35 -9.82 14.95
O2 XYP C . -16.62 -6.51 13.80
O3 XYP C . -16.15 -6.72 16.43
O4 XYP C . -14.62 -8.65 17.19
O5 XYP C . -15.15 -9.95 13.82
C1 XYP C . -13.03 -8.56 17.25
C2 XYP C . -13.01 -7.25 18.04
C3 XYP C . -11.62 -7.10 18.68
C4 XYP C . -11.33 -8.32 19.56
C5 XYP C . -11.59 -9.64 18.82
O2 XYP C . -13.32 -6.14 17.19
O3 XYP C . -11.57 -5.90 19.47
O4 XYP C . -9.96 -8.28 19.98
O5 XYP C . -12.89 -9.63 18.19
NA NA D . 7.04 6.03 11.29
#